data_4TXD
#
_entry.id   4TXD
#
_cell.length_a   80.951
_cell.length_b   112.591
_cell.length_c   60.465
_cell.angle_alpha   90.00
_cell.angle_beta   90.00
_cell.angle_gamma   90.00
#
_symmetry.space_group_name_H-M   'P 21 21 2'
#
loop_
_entity.id
_entity.type
_entity.pdbx_description
1 polymer Csc2
2 non-polymer 'ZINC ION'
3 water water
#
_entity_poly.entity_id   1
_entity_poly.type   'polypeptide(L)'
_entity_poly.pdbx_seq_one_letter_code
;HHHHHHSSGLVPRGSHMSGEKRDVLAELGLGDLRPYLRSIGDKDRIFPKAHRIEVVFLVRAANYLLLRTEGAGTINMTTL
EYSGGAMEVPVIQPQKLMAVTRRQMLQLLREYRDSLDEVSKRWLVQEVIGKAKDLGFKKVSEEWNCTIQPPLAEFGEKAT
DIGMDGFCPHCTIFGAALTEQHNEKFGGLSIGIKTRVRFDPAFATQRRITPETHNKVTEGHLSMTGQALFSEVHVEPGTV
FIGRAELVDLTEPELVATLYSLATLRELGGRSGIYGTVRVEILGVKAGKYASTTAYDLAAENAGKGYEEVKKNLKERLEK
LGFTPVDNSKLLAAVDHKDPNGLFKDLWRSSIDFAEKMVKWVEELKGGGQKGSGKKSRSKKAEPEESEEE
;
_entity_poly.pdbx_strand_id   A
#
# COMPACT_ATOMS: atom_id res chain seq x y z
N LYS A 21 -4.14 23.10 -16.92
CA LYS A 21 -5.05 21.98 -16.67
C LYS A 21 -5.10 21.60 -15.19
N ARG A 22 -5.67 20.44 -14.91
CA ARG A 22 -5.85 19.96 -13.54
C ARG A 22 -4.52 19.69 -12.84
N ASP A 23 -4.45 20.04 -11.56
CA ASP A 23 -3.23 19.87 -10.78
C ASP A 23 -3.48 19.37 -9.36
N VAL A 24 -3.78 18.09 -9.19
CA VAL A 24 -4.25 17.54 -7.92
C VAL A 24 -3.28 17.82 -6.76
N LEU A 25 -1.99 17.83 -7.01
CA LEU A 25 -1.07 18.19 -5.97
C LEU A 25 -1.33 19.59 -5.46
N ALA A 26 -1.61 20.52 -6.37
CA ALA A 26 -1.86 21.89 -5.96
C ALA A 26 -3.18 22.01 -5.21
N GLU A 27 -4.16 21.21 -5.62
CA GLU A 27 -5.46 21.17 -4.96
C GLU A 27 -5.33 20.73 -3.52
N LEU A 28 -4.49 19.74 -3.29
CA LEU A 28 -4.09 19.34 -1.95
C LEU A 28 -2.95 20.28 -1.59
N GLY A 29 -2.41 20.22 -0.38
CA GLY A 29 -1.38 21.20 -0.08
C GLY A 29 0.00 20.83 -0.59
N LEU A 30 0.03 20.00 -1.60
CA LEU A 30 1.18 19.15 -1.86
C LEU A 30 2.13 19.52 -2.96
N GLY A 31 2.07 20.74 -3.43
CA GLY A 31 2.92 21.17 -4.49
C GLY A 31 4.40 21.04 -4.28
N ASP A 32 4.86 21.23 -3.05
CA ASP A 32 6.28 21.17 -2.79
C ASP A 32 6.86 19.78 -2.92
N LEU A 33 6.02 18.79 -3.12
CA LEU A 33 6.49 17.43 -3.35
C LEU A 33 7.11 17.23 -4.73
N ARG A 34 6.69 18.01 -5.70
CA ARG A 34 7.06 17.82 -7.11
C ARG A 34 8.52 17.58 -7.39
N PRO A 35 9.40 18.46 -6.77
CA PRO A 35 10.81 18.21 -7.06
C PRO A 35 11.26 16.79 -6.72
N TYR A 36 10.59 16.13 -5.82
CA TYR A 36 10.98 14.84 -5.36
C TYR A 36 10.37 13.69 -6.13
N LEU A 37 9.49 13.98 -7.07
CA LEU A 37 8.82 12.94 -7.82
C LEU A 37 9.49 12.65 -9.16
N ARG A 38 9.32 11.45 -9.68
CA ARG A 38 9.89 11.09 -10.95
C ARG A 38 8.94 11.45 -12.06
N SER A 39 9.45 11.63 -13.26
CA SER A 39 8.63 11.99 -14.41
C SER A 39 8.41 10.79 -15.30
N ILE A 40 7.18 10.63 -15.78
CA ILE A 40 6.88 9.62 -16.79
C ILE A 40 7.78 9.88 -18.00
N GLY A 41 8.42 8.82 -18.51
CA GLY A 41 9.22 8.92 -19.71
C GLY A 41 10.70 9.15 -19.44
N ASP A 42 11.05 9.45 -18.19
CA ASP A 42 12.45 9.60 -17.82
C ASP A 42 13.22 8.33 -18.17
N LYS A 43 14.33 8.51 -18.88
CA LYS A 43 15.16 7.39 -19.29
C LYS A 43 15.66 6.58 -18.08
N ASP A 44 15.83 7.24 -16.95
CA ASP A 44 16.43 6.61 -15.78
C ASP A 44 15.43 6.19 -14.69
N ARG A 45 14.20 5.94 -15.03
CA ARG A 45 13.19 5.55 -14.05
C ARG A 45 13.57 4.41 -13.17
N ILE A 46 14.34 3.48 -13.70
CA ILE A 46 14.77 2.31 -12.95
C ILE A 46 15.88 2.64 -11.94
N PHE A 47 16.61 3.72 -12.19
CA PHE A 47 17.66 4.12 -11.26
C PHE A 47 17.07 4.87 -10.08
N PRO A 48 17.49 4.51 -8.86
CA PRO A 48 16.87 5.10 -7.67
C PRO A 48 17.37 6.52 -7.36
N LYS A 49 16.50 7.37 -6.84
CA LYS A 49 16.87 8.67 -6.32
C LYS A 49 17.01 8.60 -4.81
N ALA A 50 17.84 9.41 -4.23
CA ALA A 50 18.17 9.27 -2.82
C ALA A 50 17.28 10.12 -1.95
N HIS A 51 15.97 9.94 -2.10
CA HIS A 51 15.01 10.53 -1.19
C HIS A 51 13.75 9.69 -1.12
N ARG A 52 12.86 10.08 -0.22
CA ARG A 52 11.65 9.32 0.03
C ARG A 52 10.56 10.26 0.50
N ILE A 53 9.32 9.83 0.34
CA ILE A 53 8.19 10.54 0.90
C ILE A 53 7.58 9.68 2.00
N GLU A 54 7.61 10.19 3.22
CA GLU A 54 6.89 9.56 4.33
C GLU A 54 5.41 9.92 4.33
N VAL A 55 4.55 8.92 4.51
CA VAL A 55 3.13 9.19 4.74
C VAL A 55 2.69 8.58 6.08
N VAL A 56 2.06 9.40 6.92
CA VAL A 56 1.56 8.93 8.22
C VAL A 56 0.05 8.95 8.17
N PHE A 57 -0.56 7.87 8.67
CA PHE A 57 -1.98 7.69 8.56
C PHE A 57 -2.56 6.98 9.78
N LEU A 58 -3.86 7.02 9.89
CA LEU A 58 -4.60 6.32 10.92
C LEU A 58 -5.48 5.25 10.32
N VAL A 59 -5.57 4.13 11.01
CA VAL A 59 -6.51 3.09 10.68
C VAL A 59 -7.46 2.89 11.86
N ARG A 60 -8.76 3.10 11.65
CA ARG A 60 -9.70 2.89 12.75
C ARG A 60 -10.68 1.76 12.47
N ALA A 61 -10.78 0.87 13.44
CA ALA A 61 -11.73 -0.23 13.40
C ALA A 61 -13.18 0.25 13.53
N ALA A 62 -13.99 0.03 12.50
CA ALA A 62 -15.40 0.43 12.53
C ALA A 62 -16.22 -0.56 13.36
N ASN A 63 -16.19 -1.84 13.01
N ASN A 63 -16.15 -1.83 12.95
CA ASN A 63 -16.66 -2.86 13.94
CA ASN A 63 -16.64 -2.96 13.72
C ASN A 63 -15.45 -3.65 14.43
C ASN A 63 -15.48 -3.63 14.47
N TYR A 64 -15.57 -4.79 14.83
CA TYR A 64 -14.47 -5.64 15.27
C TYR A 64 -13.55 -5.94 14.09
N LEU A 65 -12.24 -5.92 14.31
CA LEU A 65 -11.27 -6.38 13.35
C LEU A 65 -10.73 -7.73 13.74
N LEU A 66 -10.67 -8.65 12.91
N LEU A 66 -10.68 -8.67 12.93
CA LEU A 66 -10.11 -9.97 13.16
CA LEU A 66 -10.12 -9.98 13.25
C LEU A 66 -8.69 -10.06 12.64
C LEU A 66 -8.72 -10.11 12.67
N LEU A 67 -7.81 -10.31 13.39
CA LEU A 67 -6.42 -10.59 13.09
C LEU A 67 -6.09 -12.08 13.23
N ARG A 68 -5.49 -12.64 12.20
CA ARG A 68 -5.05 -14.02 12.21
C ARG A 68 -3.62 -14.14 11.78
N THR A 69 -2.86 -14.95 12.47
CA THR A 69 -1.48 -15.21 12.05
C THR A 69 -1.48 -15.97 10.71
N GLU A 70 -0.39 -15.86 9.95
CA GLU A 70 -0.24 -16.64 8.73
C GLU A 70 1.15 -17.25 8.61
N GLY A 71 1.40 -18.32 9.37
CA GLY A 71 2.67 -19.00 9.29
C GLY A 71 3.64 -18.62 10.40
N ALA A 72 4.61 -19.49 10.64
CA ALA A 72 5.61 -19.29 11.68
C ALA A 72 6.19 -17.88 11.62
N GLY A 73 6.36 -17.28 12.79
CA GLY A 73 6.99 -15.99 12.90
C GLY A 73 6.08 -14.79 12.68
N THR A 74 4.85 -15.00 12.20
CA THR A 74 3.93 -13.85 12.03
C THR A 74 3.25 -13.49 13.36
N ILE A 75 2.94 -12.22 13.54
CA ILE A 75 2.46 -11.77 14.83
C ILE A 75 1.23 -10.87 14.72
N ASN A 76 0.43 -10.89 15.78
CA ASN A 76 -0.74 -10.02 15.89
C ASN A 76 -0.65 -9.05 17.07
N MET A 77 0.29 -9.31 17.97
CA MET A 77 0.44 -8.50 19.18
C MET A 77 1.92 -8.15 19.34
N THR A 78 2.17 -6.95 19.82
CA THR A 78 3.55 -6.50 19.99
C THR A 78 3.62 -5.50 21.14
N THR A 79 4.82 -5.29 21.68
CA THR A 79 4.97 -4.44 22.86
C THR A 79 5.34 -3.00 22.54
N LEU A 80 4.61 -2.07 23.11
CA LEU A 80 4.97 -0.69 23.09
C LEU A 80 5.60 -0.33 24.43
N GLU A 81 6.83 0.14 24.39
CA GLU A 81 7.48 0.68 25.57
C GLU A 81 7.28 2.19 25.59
N TYR A 82 6.86 2.71 26.73
CA TYR A 82 6.60 4.14 26.85
C TYR A 82 6.91 4.59 28.29
N SER A 83 6.63 5.86 28.58
CA SER A 83 7.08 6.46 29.84
C SER A 83 6.47 5.77 31.07
N GLY A 84 5.19 5.44 30.98
CA GLY A 84 4.49 4.83 32.08
C GLY A 84 4.64 3.32 32.18
N GLY A 85 5.36 2.71 31.24
CA GLY A 85 5.61 1.28 31.32
C GLY A 85 5.68 0.56 29.98
N ALA A 86 4.94 -0.52 29.85
CA ALA A 86 4.95 -1.33 28.64
C ALA A 86 3.60 -2.00 28.45
N MET A 87 3.07 -1.98 27.23
CA MET A 87 1.80 -2.65 26.95
C MET A 87 1.84 -3.41 25.61
N GLU A 88 1.31 -4.60 25.62
CA GLU A 88 1.22 -5.34 24.41
C GLU A 88 -0.07 -4.95 23.69
N VAL A 89 0.07 -4.56 22.43
CA VAL A 89 -1.05 -4.02 21.68
C VAL A 89 -1.18 -4.79 20.37
N PRO A 90 -2.38 -4.77 19.77
CA PRO A 90 -2.53 -5.32 18.43
C PRO A 90 -1.68 -4.58 17.42
N VAL A 91 -1.23 -5.30 16.40
CA VAL A 91 -0.42 -4.71 15.36
C VAL A 91 -0.82 -5.28 14.01
N ILE A 92 -0.81 -4.44 12.99
CA ILE A 92 -1.04 -4.88 11.63
C ILE A 92 0.31 -4.93 10.94
N GLN A 93 0.83 -6.12 10.67
CA GLN A 93 2.17 -6.24 10.13
CA GLN A 93 2.16 -6.28 10.11
C GLN A 93 2.24 -5.72 8.68
N PRO A 94 3.44 -5.29 8.26
CA PRO A 94 3.65 -4.70 6.93
C PRO A 94 3.08 -5.54 5.77
N GLN A 95 3.27 -6.86 5.81
N GLN A 95 3.25 -6.86 5.78
CA GLN A 95 2.77 -7.72 4.73
CA GLN A 95 2.75 -7.63 4.64
C GLN A 95 1.24 -7.61 4.62
C GLN A 95 1.21 -7.70 4.61
N LYS A 96 0.55 -7.49 5.74
CA LYS A 96 -0.92 -7.36 5.70
C LYS A 96 -1.32 -6.02 5.09
N LEU A 97 -0.62 -4.95 5.47
CA LEU A 97 -0.87 -3.62 4.91
C LEU A 97 -0.64 -3.64 3.39
N MET A 98 0.45 -4.26 2.96
CA MET A 98 0.70 -4.44 1.54
C MET A 98 -0.45 -5.15 0.85
N ALA A 99 -0.84 -6.29 1.39
CA ALA A 99 -1.85 -7.12 0.76
C ALA A 99 -3.16 -6.33 0.60
N VAL A 100 -3.62 -5.66 1.66
CA VAL A 100 -4.93 -5.03 1.56
C VAL A 100 -4.85 -3.79 0.68
N THR A 101 -3.73 -3.09 0.72
CA THR A 101 -3.62 -1.83 -0.03
C THR A 101 -3.52 -2.16 -1.52
N ARG A 102 -2.78 -3.19 -1.85
CA ARG A 102 -2.65 -3.57 -3.23
C ARG A 102 -3.93 -4.18 -3.77
N ARG A 103 -4.62 -4.90 -2.93
CA ARG A 103 -5.92 -5.45 -3.31
C ARG A 103 -6.93 -4.32 -3.57
N GLN A 104 -6.85 -3.25 -2.78
CA GLN A 104 -7.70 -2.10 -3.00
C GLN A 104 -7.37 -1.37 -4.31
N MET A 105 -6.09 -1.14 -4.58
CA MET A 105 -5.71 -0.51 -5.83
C MET A 105 -6.20 -1.33 -7.02
N LEU A 106 -6.12 -2.64 -6.88
CA LEU A 106 -6.58 -3.53 -7.90
C LEU A 106 -8.09 -3.39 -8.13
N GLN A 107 -8.82 -3.21 -7.05
CA GLN A 107 -10.28 -3.08 -7.17
C GLN A 107 -10.61 -1.75 -7.83
N LEU A 108 -9.86 -0.71 -7.48
CA LEU A 108 -10.05 0.59 -8.08
C LEU A 108 -9.73 0.52 -9.58
N LEU A 109 -8.69 -0.24 -9.94
CA LEU A 109 -8.34 -0.44 -11.35
C LEU A 109 -9.43 -1.17 -12.10
N ARG A 110 -10.05 -2.14 -11.45
CA ARG A 110 -11.16 -2.84 -12.06
C ARG A 110 -12.35 -1.92 -12.28
N GLU A 111 -12.59 -1.03 -11.32
CA GLU A 111 -13.69 -0.08 -11.45
C GLU A 111 -13.40 0.99 -12.50
N TYR A 112 -12.12 1.33 -12.66
CA TYR A 112 -11.72 2.25 -13.71
C TYR A 112 -12.04 1.62 -15.05
N ARG A 113 -11.64 0.36 -15.19
CA ARG A 113 -11.89 -0.40 -16.41
C ARG A 113 -13.37 -0.43 -16.76
N ASP A 114 -14.21 -0.62 -15.77
CA ASP A 114 -15.64 -0.73 -15.99
C ASP A 114 -16.32 0.61 -16.19
N SER A 115 -15.59 1.69 -15.98
CA SER A 115 -16.11 3.02 -16.25
C SER A 115 -15.89 3.43 -17.71
N LEU A 116 -15.08 2.69 -18.46
CA LEU A 116 -14.72 3.10 -19.82
C LEU A 116 -15.88 2.94 -20.82
N ASP A 117 -16.00 3.89 -21.76
CA ASP A 117 -16.92 3.71 -22.90
C ASP A 117 -16.11 3.17 -24.08
N GLU A 118 -16.67 3.17 -25.27
CA GLU A 118 -15.93 2.59 -26.39
C GLU A 118 -14.72 3.38 -26.73
N VAL A 119 -14.77 4.68 -26.52
CA VAL A 119 -13.69 5.52 -26.90
C VAL A 119 -12.51 5.29 -25.97
N SER A 120 -12.77 5.33 -24.69
CA SER A 120 -11.73 5.22 -23.71
C SER A 120 -11.20 3.81 -23.56
N LYS A 121 -12.02 2.85 -23.91
CA LYS A 121 -11.59 1.49 -23.91
C LYS A 121 -10.57 1.24 -25.01
N ARG A 122 -10.80 1.77 -26.20
CA ARG A 122 -9.84 1.59 -27.25
C ARG A 122 -8.52 2.20 -26.84
N TRP A 123 -8.55 3.32 -26.14
CA TRP A 123 -7.32 3.90 -25.64
C TRP A 123 -6.55 2.89 -24.82
N LEU A 124 -7.22 2.23 -23.90
CA LEU A 124 -6.57 1.27 -23.05
C LEU A 124 -6.04 0.10 -23.82
N VAL A 125 -6.84 -0.41 -24.74
CA VAL A 125 -6.44 -1.55 -25.49
C VAL A 125 -5.25 -1.22 -26.38
N GLN A 126 -5.30 -0.08 -27.04
CA GLN A 126 -4.28 0.25 -27.99
C GLN A 126 -3.07 0.89 -27.37
N GLU A 127 -3.28 1.87 -26.52
CA GLU A 127 -2.19 2.61 -25.95
C GLU A 127 -1.52 1.97 -24.73
N VAL A 128 -2.17 1.00 -24.12
CA VAL A 128 -1.63 0.35 -22.96
C VAL A 128 -1.42 -1.11 -23.20
N ILE A 129 -2.48 -1.85 -23.38
CA ILE A 129 -2.38 -3.27 -23.57
C ILE A 129 -1.58 -3.65 -24.81
N GLY A 130 -1.78 -2.91 -25.88
CA GLY A 130 -1.01 -3.15 -27.09
C GLY A 130 0.47 -2.89 -26.89
N LYS A 131 0.78 -1.84 -26.17
CA LYS A 131 2.13 -1.52 -25.86
C LYS A 131 2.80 -2.58 -25.02
N ALA A 132 2.05 -3.15 -24.09
CA ALA A 132 2.52 -4.26 -23.30
C ALA A 132 2.80 -5.48 -24.13
N LYS A 133 1.96 -5.75 -25.11
CA LYS A 133 2.17 -6.84 -26.03
C LYS A 133 3.48 -6.66 -26.79
N ASP A 134 3.69 -5.47 -27.30
CA ASP A 134 4.93 -5.14 -28.01
C ASP A 134 6.15 -5.33 -27.11
N LEU A 135 5.98 -5.22 -25.82
CA LEU A 135 7.08 -5.30 -24.89
C LEU A 135 7.32 -6.71 -24.41
N GLY A 136 6.56 -7.63 -24.96
CA GLY A 136 6.78 -9.04 -24.69
C GLY A 136 5.82 -9.65 -23.68
N PHE A 137 5.00 -8.84 -23.03
CA PHE A 137 4.12 -9.36 -22.03
C PHE A 137 3.04 -10.30 -22.58
N LYS A 138 2.69 -11.30 -21.83
CA LYS A 138 1.82 -12.37 -22.29
C LYS A 138 0.36 -12.19 -21.86
N LYS A 139 0.14 -11.61 -20.70
CA LYS A 139 -1.21 -11.41 -20.24
C LYS A 139 -1.83 -10.17 -20.87
N VAL A 140 -2.12 -10.26 -22.15
CA VAL A 140 -2.56 -9.10 -22.87
C VAL A 140 -3.91 -9.24 -23.55
N SER A 141 -4.87 -9.80 -22.85
CA SER A 141 -6.22 -9.86 -23.37
C SER A 141 -6.79 -8.46 -23.43
N GLU A 142 -7.65 -8.20 -24.40
CA GLU A 142 -8.29 -6.90 -24.50
C GLU A 142 -9.25 -6.67 -23.35
N GLU A 143 -9.76 -7.73 -22.78
CA GLU A 143 -10.46 -7.64 -21.51
C GLU A 143 -9.43 -7.66 -20.38
N TRP A 144 -9.04 -6.50 -19.88
CA TRP A 144 -8.00 -6.46 -18.88
C TRP A 144 -8.41 -7.00 -17.51
N ASN A 145 -7.49 -7.75 -16.92
CA ASN A 145 -7.63 -8.04 -15.51
C ASN A 145 -6.26 -8.43 -14.98
N CYS A 146 -6.10 -8.31 -13.66
CA CYS A 146 -4.90 -8.79 -12.99
C CYS A 146 -5.34 -9.40 -11.66
N THR A 147 -4.52 -10.23 -11.09
CA THR A 147 -4.83 -10.71 -9.78
C THR A 147 -3.90 -10.11 -8.77
N ILE A 148 -4.16 -10.44 -7.51
CA ILE A 148 -3.23 -10.11 -6.48
C ILE A 148 -2.45 -11.36 -6.12
N GLN A 149 -2.78 -12.49 -6.73
CA GLN A 149 -2.25 -13.75 -6.27
C GLN A 149 -1.45 -14.49 -7.27
N GLY A 163 -2.95 -15.13 -13.89
CA GLY A 163 -2.03 -14.67 -12.87
C GLY A 163 -1.85 -13.17 -12.90
N MET A 164 -0.74 -12.68 -12.35
CA MET A 164 -0.40 -11.28 -12.38
C MET A 164 0.11 -10.94 -13.76
N ASP A 165 -0.10 -9.71 -14.21
CA ASP A 165 0.33 -9.35 -15.54
C ASP A 165 1.74 -8.80 -15.61
N GLY A 166 2.20 -8.26 -14.51
CA GLY A 166 3.52 -7.70 -14.44
C GLY A 166 3.68 -6.33 -15.04
N PHE A 167 2.58 -5.70 -15.44
CA PHE A 167 2.68 -4.37 -15.99
C PHE A 167 1.64 -3.36 -15.51
N CYS A 168 0.65 -3.82 -14.80
CA CYS A 168 -0.36 -2.94 -14.27
C CYS A 168 0.15 -2.17 -13.06
N PRO A 169 -0.64 -1.04 -12.77
CA PRO A 169 -0.13 -0.26 -11.65
C PRO A 169 0.11 -1.00 -10.33
N HIS A 170 -0.72 -1.96 -9.98
CA HIS A 170 -0.50 -2.62 -8.72
C HIS A 170 0.74 -3.50 -8.78
N CYS A 171 0.98 -4.11 -9.91
CA CYS A 171 2.21 -4.88 -10.08
C CYS A 171 3.45 -4.04 -10.03
N THR A 172 3.46 -2.95 -10.75
CA THR A 172 4.64 -2.14 -10.86
C THR A 172 4.94 -1.35 -9.60
N ILE A 173 3.91 -0.99 -8.88
CA ILE A 173 4.12 -0.18 -7.69
C ILE A 173 4.45 -1.04 -6.47
N PHE A 174 3.68 -2.11 -6.27
CA PHE A 174 3.84 -2.93 -5.08
C PHE A 174 4.70 -4.16 -5.30
N GLY A 175 5.10 -4.41 -6.55
CA GLY A 175 6.04 -5.47 -6.83
C GLY A 175 5.48 -6.79 -7.33
N ALA A 176 6.38 -7.58 -7.92
CA ALA A 176 6.00 -8.86 -8.51
C ALA A 176 7.23 -9.68 -8.83
N ALA A 177 7.07 -10.99 -8.83
CA ALA A 177 8.13 -11.91 -9.26
C ALA A 177 7.79 -12.38 -10.68
N LEU A 178 8.53 -11.89 -11.67
CA LEU A 178 8.22 -12.17 -13.07
C LEU A 178 9.16 -13.21 -13.69
N THR A 179 8.60 -14.02 -14.58
CA THR A 179 9.35 -15.05 -15.29
C THR A 179 8.94 -15.08 -16.75
N GLU A 180 9.37 -16.12 -17.46
CA GLU A 180 8.98 -16.31 -18.85
C GLU A 180 7.48 -16.51 -19.00
N GLN A 181 6.81 -16.89 -17.91
CA GLN A 181 5.36 -17.00 -17.95
C GLN A 181 4.68 -15.64 -18.14
N HIS A 182 5.36 -14.57 -17.72
CA HIS A 182 4.78 -13.24 -17.81
C HIS A 182 5.21 -12.50 -19.05
N ASN A 183 6.43 -12.75 -19.48
CA ASN A 183 7.00 -12.01 -20.59
C ASN A 183 7.89 -12.95 -21.39
N GLU A 184 7.66 -13.00 -22.71
CA GLU A 184 8.36 -13.93 -23.59
C GLU A 184 9.85 -13.59 -23.71
N LYS A 185 10.23 -12.37 -23.34
CA LYS A 185 11.63 -11.98 -23.33
C LYS A 185 12.40 -12.47 -22.10
N PHE A 186 11.72 -13.13 -21.16
CA PHE A 186 12.35 -13.51 -19.89
C PHE A 186 12.75 -14.99 -19.85
N GLY A 187 12.98 -15.59 -21.01
CA GLY A 187 13.44 -16.97 -21.04
C GLY A 187 14.76 -17.12 -20.29
N GLY A 188 14.80 -18.09 -19.37
CA GLY A 188 15.98 -18.30 -18.56
C GLY A 188 16.24 -17.21 -17.52
N LEU A 189 15.23 -16.39 -17.25
CA LEU A 189 15.41 -15.24 -16.35
C LEU A 189 14.34 -15.14 -15.27
N SER A 190 14.72 -14.68 -14.09
CA SER A 190 13.76 -14.33 -13.04
C SER A 190 13.91 -12.86 -12.74
N ILE A 191 12.85 -12.10 -13.00
CA ILE A 191 12.90 -10.66 -12.90
C ILE A 191 12.04 -10.23 -11.71
N GLY A 192 12.65 -9.55 -10.75
CA GLY A 192 11.93 -9.13 -9.56
C GLY A 192 11.67 -7.65 -9.54
N ILE A 193 10.41 -7.27 -9.29
CA ILE A 193 10.07 -5.90 -8.99
C ILE A 193 9.82 -5.78 -7.50
N LYS A 194 10.63 -4.98 -6.81
CA LYS A 194 10.42 -4.76 -5.38
CA LYS A 194 10.46 -4.73 -5.39
C LYS A 194 9.47 -3.59 -5.16
N THR A 195 8.69 -3.66 -4.08
CA THR A 195 7.75 -2.56 -3.80
C THR A 195 8.44 -1.20 -3.60
N ARG A 196 7.83 -0.15 -4.15
CA ARG A 196 8.31 1.20 -3.96
C ARG A 196 7.48 1.86 -2.84
N VAL A 197 6.61 1.06 -2.24
CA VAL A 197 5.79 1.46 -1.09
C VAL A 197 6.12 0.53 0.08
N ARG A 198 6.91 1.02 1.03
CA ARG A 198 7.34 0.21 2.17
CA ARG A 198 7.32 0.19 2.16
C ARG A 198 6.56 0.59 3.43
N PHE A 199 5.79 -0.33 3.97
CA PHE A 199 5.02 -0.05 5.19
C PHE A 199 5.80 -0.37 6.45
N ASP A 200 5.70 0.52 7.45
CA ASP A 200 5.94 0.13 8.85
C ASP A 200 4.82 -0.81 9.27
N PRO A 201 4.99 -1.55 10.37
CA PRO A 201 3.78 -2.13 10.98
C PRO A 201 2.85 -1.00 11.43
N ALA A 202 1.55 -1.24 11.49
CA ALA A 202 0.64 -0.27 12.07
C ALA A 202 0.26 -0.69 13.50
N PHE A 203 0.53 0.16 14.46
CA PHE A 203 0.38 -0.14 15.87
C PHE A 203 -0.88 0.45 16.53
N ALA A 204 -1.64 -0.36 17.24
CA ALA A 204 -2.74 0.15 18.05
C ALA A 204 -2.15 0.91 19.24
N THR A 205 -2.86 1.91 19.72
CA THR A 205 -2.38 2.67 20.86
C THR A 205 -2.96 2.17 22.17
N GLN A 206 -3.92 1.28 22.08
CA GLN A 206 -4.56 0.68 23.24
C GLN A 206 -4.72 -0.81 23.04
N ARG A 207 -4.69 -1.55 24.14
CA ARG A 207 -4.92 -2.98 24.13
C ARG A 207 -6.41 -3.26 24.28
N ARG A 208 -7.16 -3.13 23.19
CA ARG A 208 -8.60 -3.28 23.28
C ARG A 208 -8.99 -4.52 22.50
N ILE A 209 -8.83 -5.68 23.14
CA ILE A 209 -9.09 -6.95 22.49
C ILE A 209 -9.99 -7.83 23.35
N THR A 210 -10.71 -8.72 22.70
CA THR A 210 -11.56 -9.65 23.42
C THR A 210 -10.71 -10.57 24.30
N PRO A 211 -11.03 -10.65 25.60
CA PRO A 211 -10.33 -11.62 26.45
C PRO A 211 -10.65 -13.04 25.98
N GLU A 212 -9.63 -13.78 25.55
CA GLU A 212 -9.84 -15.06 24.86
C GLU A 212 -8.79 -16.09 25.25
N THR A 213 -9.25 -17.24 25.70
CA THR A 213 -8.36 -18.21 26.26
C THR A 213 -8.37 -19.51 25.47
N HIS A 214 -9.30 -19.58 24.55
CA HIS A 214 -9.56 -20.77 23.77
C HIS A 214 -9.13 -20.81 22.31
N ASN A 215 -8.16 -20.01 21.93
CA ASN A 215 -7.50 -20.25 20.68
C ASN A 215 -6.76 -21.57 20.82
N LYS A 216 -6.55 -22.24 19.72
CA LYS A 216 -5.79 -23.47 19.72
C LYS A 216 -5.07 -23.62 18.41
N VAL A 217 -3.79 -23.98 18.47
CA VAL A 217 -3.04 -24.33 17.28
C VAL A 217 -2.33 -25.65 17.53
N THR A 218 -2.24 -26.45 16.49
CA THR A 218 -1.61 -27.77 16.58
C THR A 218 -0.70 -27.98 15.40
N GLU A 219 0.31 -28.81 15.61
CA GLU A 219 1.21 -29.24 14.55
C GLU A 219 1.77 -30.60 14.95
N GLY A 220 1.45 -31.63 14.18
CA GLY A 220 1.86 -32.98 14.55
C GLY A 220 1.41 -33.33 15.96
N HIS A 221 2.38 -33.61 16.84
CA HIS A 221 2.07 -34.02 18.19
C HIS A 221 2.19 -32.90 19.19
N LEU A 222 2.27 -31.65 18.72
CA LEU A 222 2.24 -30.51 19.63
C LEU A 222 0.92 -29.75 19.53
N SER A 223 0.48 -29.24 20.64
CA SER A 223 -0.65 -28.37 20.69
C SER A 223 -0.39 -27.19 21.64
N MET A 224 -1.08 -26.10 21.40
CA MET A 224 -0.93 -24.93 22.18
C MET A 224 -2.30 -24.24 22.29
N THR A 225 -2.65 -23.91 23.49
CA THR A 225 -3.76 -23.03 23.95
CA THR A 225 -3.77 -23.07 23.96
C THR A 225 -3.40 -21.88 25.11
N GLY A 226 -4.34 -21.13 25.58
CA GLY A 226 -4.09 -20.26 26.66
C GLY A 226 -4.34 -18.82 26.29
N GLN A 227 -4.50 -18.04 27.32
CA GLN A 227 -4.64 -16.58 27.20
C GLN A 227 -3.58 -15.91 26.31
N ALA A 228 -2.34 -16.38 26.41
CA ALA A 228 -1.24 -15.72 25.71
C ALA A 228 -1.06 -16.21 24.26
N LEU A 229 -1.97 -17.04 23.79
CA LEU A 229 -1.95 -17.44 22.40
C LEU A 229 -2.71 -16.45 21.52
N PHE A 230 -1.98 -15.81 20.63
CA PHE A 230 -2.59 -14.74 19.82
C PHE A 230 -2.68 -15.11 18.35
N SER A 231 -2.82 -16.40 18.06
CA SER A 231 -3.06 -16.85 16.70
C SER A 231 -4.29 -16.14 16.10
N GLU A 232 -5.24 -15.82 16.94
CA GLU A 232 -6.40 -15.04 16.55
C GLU A 232 -6.72 -13.96 17.60
N VAL A 233 -6.96 -12.76 17.12
CA VAL A 233 -7.22 -11.63 17.97
C VAL A 233 -8.42 -10.86 17.48
N HIS A 234 -9.30 -10.51 18.40
CA HIS A 234 -10.45 -9.71 18.06
C HIS A 234 -10.29 -8.32 18.61
N VAL A 235 -10.02 -7.38 17.72
CA VAL A 235 -9.78 -5.99 18.08
C VAL A 235 -11.11 -5.24 18.18
N GLU A 236 -11.31 -4.49 19.26
CA GLU A 236 -12.62 -3.90 19.55
C GLU A 236 -12.88 -2.66 18.70
N PRO A 237 -14.16 -2.41 18.37
CA PRO A 237 -14.56 -1.24 17.56
C PRO A 237 -13.97 0.03 18.14
N GLY A 238 -13.54 0.95 17.29
CA GLY A 238 -13.00 2.23 17.74
C GLY A 238 -11.50 2.25 17.98
N THR A 239 -10.87 1.09 18.08
CA THR A 239 -9.42 1.02 18.24
C THR A 239 -8.76 1.75 17.09
N VAL A 240 -7.78 2.60 17.40
CA VAL A 240 -7.05 3.25 16.32
C VAL A 240 -5.61 2.74 16.23
N PHE A 241 -5.13 2.53 14.99
CA PHE A 241 -3.76 2.14 14.70
C PHE A 241 -3.01 3.28 14.02
N ILE A 242 -1.78 3.49 14.38
CA ILE A 242 -0.96 4.48 13.73
C ILE A 242 -0.06 3.83 12.70
N GLY A 243 -0.13 4.31 11.47
CA GLY A 243 0.61 3.72 10.38
C GLY A 243 1.56 4.70 9.72
N ARG A 244 2.59 4.17 9.07
CA ARG A 244 3.53 4.97 8.31
C ARG A 244 4.00 4.17 7.11
N ALA A 245 4.15 4.83 5.97
CA ALA A 245 4.74 4.21 4.79
C ALA A 245 5.79 5.12 4.18
N GLU A 246 6.79 4.51 3.53
CA GLU A 246 7.77 5.26 2.76
C GLU A 246 7.55 4.99 1.27
N LEU A 247 7.40 6.07 0.50
CA LEU A 247 7.10 5.99 -0.93
C LEU A 247 8.32 6.53 -1.68
N VAL A 248 8.93 5.67 -2.51
CA VAL A 248 10.17 6.07 -3.19
C VAL A 248 10.06 5.91 -4.70
N ASP A 249 10.71 6.82 -5.42
CA ASP A 249 10.81 6.75 -6.89
C ASP A 249 9.47 6.65 -7.60
N LEU A 250 8.45 7.28 -7.03
CA LEU A 250 7.14 7.32 -7.66
C LEU A 250 7.00 8.56 -8.52
N THR A 251 6.19 8.44 -9.57
CA THR A 251 5.68 9.60 -10.30
C THR A 251 4.48 10.20 -9.56
N GLU A 252 4.05 11.37 -10.00
CA GLU A 252 2.90 12.02 -9.46
C GLU A 252 1.65 11.16 -9.43
N PRO A 253 1.22 10.58 -10.52
CA PRO A 253 0.00 9.79 -10.42
C PRO A 253 0.14 8.50 -9.61
N GLU A 254 1.34 7.95 -9.56
CA GLU A 254 1.58 6.77 -8.74
C GLU A 254 1.43 7.12 -7.25
N LEU A 255 2.04 8.23 -6.87
CA LEU A 255 1.93 8.73 -5.51
C LEU A 255 0.47 9.01 -5.12
N VAL A 256 -0.23 9.77 -5.95
CA VAL A 256 -1.60 10.14 -5.63
C VAL A 256 -2.50 8.92 -5.59
N ALA A 257 -2.33 8.01 -6.55
CA ALA A 257 -3.14 6.79 -6.54
C ALA A 257 -2.82 5.92 -5.33
N THR A 258 -1.58 5.95 -4.86
CA THR A 258 -1.22 5.15 -3.70
C THR A 258 -1.91 5.75 -2.46
N LEU A 259 -1.80 7.07 -2.29
CA LEU A 259 -2.50 7.75 -1.19
C LEU A 259 -3.99 7.45 -1.22
N TYR A 260 -4.56 7.48 -2.42
CA TYR A 260 -5.99 7.26 -2.60
C TYR A 260 -6.42 5.82 -2.34
N SER A 261 -5.56 4.86 -2.69
CA SER A 261 -5.87 3.47 -2.41
C SER A 261 -5.94 3.24 -0.90
N LEU A 262 -5.00 3.85 -0.19
CA LEU A 262 -4.97 3.81 1.28
C LEU A 262 -6.24 4.42 1.87
N ALA A 263 -6.56 5.63 1.41
CA ALA A 263 -7.68 6.41 1.93
C ALA A 263 -9.03 5.75 1.67
N THR A 264 -9.08 4.86 0.68
CA THR A 264 -10.36 4.23 0.34
C THR A 264 -10.50 2.81 0.86
N LEU A 265 -9.52 2.35 1.62
CA LEU A 265 -9.65 1.09 2.35
C LEU A 265 -10.87 1.11 3.27
N ARG A 266 -11.71 0.10 3.16
CA ARG A 266 -12.85 -0.04 4.04
C ARG A 266 -13.05 -1.50 4.44
N GLU A 267 -13.53 -2.33 3.50
CA GLU A 267 -13.74 -3.74 3.82
C GLU A 267 -12.46 -4.53 3.60
N LEU A 268 -11.90 -5.06 4.68
CA LEU A 268 -10.64 -5.79 4.62
C LEU A 268 -10.92 -7.28 4.69
N GLY A 269 -10.24 -8.04 3.84
CA GLY A 269 -10.40 -9.48 3.84
C GLY A 269 -9.39 -10.14 2.92
N GLY A 270 -9.86 -11.08 2.11
CA GLY A 270 -8.98 -11.84 1.26
C GLY A 270 -8.22 -12.84 2.10
N ARG A 271 -6.95 -13.03 1.81
CA ARG A 271 -6.17 -14.02 2.54
C ARG A 271 -5.13 -13.37 3.43
N SER A 272 -5.32 -12.09 3.77
CA SER A 272 -4.22 -11.31 4.32
C SER A 272 -4.09 -11.33 5.84
N GLY A 273 -4.96 -12.05 6.51
CA GLY A 273 -4.89 -12.15 7.94
C GLY A 273 -5.44 -10.98 8.73
N ILE A 274 -6.21 -10.16 8.06
CA ILE A 274 -6.95 -9.12 8.70
C ILE A 274 -8.32 -9.03 8.06
N TYR A 275 -9.32 -9.12 8.86
CA TYR A 275 -10.76 -9.09 8.39
CA TYR A 275 -10.76 -9.09 8.39
C TYR A 275 -11.85 -8.24 9.18
N GLY A 276 -12.43 -7.32 8.44
CA GLY A 276 -13.37 -6.41 9.05
C GLY A 276 -13.43 -5.09 8.33
N THR A 277 -14.12 -4.12 8.91
CA THR A 277 -14.27 -2.80 8.29
C THR A 277 -13.43 -1.75 8.98
N VAL A 278 -12.68 -0.98 8.20
CA VAL A 278 -11.90 0.11 8.76
C VAL A 278 -12.24 1.42 8.09
N ARG A 279 -11.78 2.49 8.71
CA ARG A 279 -11.69 3.79 8.08
C ARG A 279 -10.25 4.27 8.21
N VAL A 280 -9.67 4.65 7.08
CA VAL A 280 -8.30 5.09 7.04
C VAL A 280 -8.26 6.57 6.75
N GLU A 281 -7.43 7.30 7.46
CA GLU A 281 -7.24 8.72 7.19
CA GLU A 281 -7.25 8.72 7.18
C GLU A 281 -5.77 9.06 7.01
N ILE A 282 -5.44 9.72 5.90
CA ILE A 282 -4.08 10.23 5.71
C ILE A 282 -3.96 11.52 6.51
N LEU A 283 -2.92 11.63 7.33
CA LEU A 283 -2.70 12.82 8.11
C LEU A 283 -1.64 13.76 7.59
N GLY A 284 -0.65 13.22 6.91
CA GLY A 284 0.45 14.08 6.50
C GLY A 284 1.52 13.39 5.69
N VAL A 285 2.24 14.18 4.90
CA VAL A 285 3.38 13.67 4.13
C VAL A 285 4.62 14.54 4.35
N LYS A 286 5.78 13.96 4.11
CA LYS A 286 7.04 14.70 4.18
C LYS A 286 8.07 14.07 3.26
N ALA A 287 8.69 14.89 2.42
CA ALA A 287 9.77 14.42 1.56
C ALA A 287 11.12 14.64 2.25
N GLY A 288 12.06 13.72 2.06
CA GLY A 288 13.36 13.86 2.67
C GLY A 288 14.33 12.77 2.27
N LYS A 289 15.61 13.00 2.53
CA LYS A 289 16.63 12.02 2.28
C LYS A 289 16.51 10.91 3.31
N TYR A 290 16.27 11.31 4.56
CA TYR A 290 16.09 10.35 5.64
C TYR A 290 14.72 10.49 6.30
N ALA A 291 14.21 9.39 6.84
CA ALA A 291 12.92 9.38 7.52
C ALA A 291 12.99 10.22 8.79
N SER A 292 11.89 10.86 9.15
CA SER A 292 11.88 11.70 10.32
C SER A 292 11.21 11.02 11.52
N THR A 293 10.48 9.93 11.27
CA THR A 293 9.75 9.27 12.36
C THR A 293 9.44 7.80 12.01
N THR A 294 8.77 7.09 12.92
CA THR A 294 8.35 5.71 12.66
C THR A 294 6.99 5.49 13.30
N ALA A 295 6.22 4.56 12.78
CA ALA A 295 4.94 4.28 13.34
C ALA A 295 5.06 3.87 14.82
N TYR A 296 6.04 3.06 15.10
CA TYR A 296 6.31 2.65 16.47
C TYR A 296 6.50 3.82 17.43
N ASP A 297 7.36 4.75 17.07
CA ASP A 297 7.64 5.87 17.95
C ASP A 297 6.40 6.71 18.17
N LEU A 298 5.62 6.88 17.12
CA LEU A 298 4.42 7.68 17.21
C LEU A 298 3.41 7.03 18.13
N ALA A 299 3.23 5.74 17.99
CA ALA A 299 2.33 5.00 18.82
C ALA A 299 2.78 5.02 20.27
N ALA A 300 4.06 4.83 20.50
CA ALA A 300 4.59 4.83 21.84
C ALA A 300 4.34 6.15 22.54
N GLU A 301 4.46 7.23 21.80
CA GLU A 301 4.15 8.57 22.24
C GLU A 301 2.70 8.71 22.66
N ASN A 302 1.86 7.86 22.12
CA ASN A 302 0.43 7.95 22.31
C ASN A 302 -0.19 6.74 23.03
N ALA A 303 0.65 5.95 23.66
CA ALA A 303 0.23 4.78 24.39
C ALA A 303 -0.90 5.06 25.36
N GLY A 304 -1.93 4.27 25.28
CA GLY A 304 -3.05 4.36 26.21
C GLY A 304 -4.12 5.35 25.80
N LYS A 305 -3.89 6.11 24.75
CA LYS A 305 -4.81 7.13 24.33
C LYS A 305 -5.79 6.70 23.25
N GLY A 306 -6.96 7.29 23.26
CA GLY A 306 -8.01 6.99 22.31
C GLY A 306 -8.02 7.81 21.05
N TYR A 307 -8.92 7.49 20.14
CA TYR A 307 -8.93 8.04 18.81
C TYR A 307 -8.77 9.56 18.69
N GLU A 308 -9.63 10.31 19.35
CA GLU A 308 -9.61 11.75 19.23
C GLU A 308 -8.36 12.35 19.82
N GLU A 309 -7.90 11.85 20.94
CA GLU A 309 -6.70 12.36 21.54
C GLU A 309 -5.48 12.05 20.68
N VAL A 310 -5.43 10.85 20.16
CA VAL A 310 -4.36 10.44 19.29
C VAL A 310 -4.28 11.34 18.06
N LYS A 311 -5.40 11.55 17.41
CA LYS A 311 -5.42 12.34 16.22
C LYS A 311 -4.95 13.76 16.49
N LYS A 312 -5.43 14.35 17.56
CA LYS A 312 -4.98 15.66 17.95
C LYS A 312 -3.50 15.69 18.21
N ASN A 313 -3.01 14.80 19.05
CA ASN A 313 -1.60 14.77 19.39
C ASN A 313 -0.74 14.60 18.15
N LEU A 314 -1.17 13.72 17.27
CA LEU A 314 -0.43 13.39 16.09
C LEU A 314 -0.32 14.56 15.12
N LYS A 315 -1.42 15.23 14.86
CA LYS A 315 -1.41 16.39 14.02
C LYS A 315 -0.43 17.42 14.52
N GLU A 316 -0.34 17.64 15.82
CA GLU A 316 0.63 18.55 16.35
C GLU A 316 2.05 18.04 16.16
N ARG A 317 2.26 16.77 16.43
CA ARG A 317 3.58 16.20 16.29
C ARG A 317 4.06 16.24 14.85
N LEU A 318 3.17 15.99 13.93
CA LEU A 318 3.54 15.98 12.54
C LEU A 318 3.94 17.38 12.10
N GLU A 319 3.24 18.37 12.60
CA GLU A 319 3.58 19.75 12.28
C GLU A 319 4.97 20.08 12.79
N LYS A 320 5.25 19.74 14.04
CA LYS A 320 6.58 19.97 14.58
C LYS A 320 7.67 19.22 13.80
N LEU A 321 7.30 18.10 13.19
CA LEU A 321 8.26 17.29 12.44
C LEU A 321 8.48 17.80 11.02
N GLY A 322 7.67 18.77 10.61
CA GLY A 322 7.84 19.39 9.31
C GLY A 322 7.02 18.71 8.23
N PHE A 323 6.00 17.97 8.63
CA PHE A 323 5.07 17.32 7.70
C PHE A 323 4.08 18.31 7.11
N THR A 324 3.71 18.09 5.85
CA THR A 324 2.63 18.83 5.22
C THR A 324 1.33 18.12 5.49
N PRO A 325 0.38 18.81 6.14
CA PRO A 325 -0.89 18.18 6.48
C PRO A 325 -1.60 17.74 5.23
N VAL A 326 -2.38 16.66 5.32
CA VAL A 326 -3.21 16.25 4.22
C VAL A 326 -4.67 16.25 4.65
N ASP A 327 -5.50 16.89 3.83
CA ASP A 327 -6.94 16.88 4.05
C ASP A 327 -7.54 15.65 3.39
N ASN A 328 -7.76 14.62 4.21
CA ASN A 328 -8.21 13.33 3.71
C ASN A 328 -9.49 13.45 2.89
N SER A 329 -10.38 14.35 3.29
CA SER A 329 -11.63 14.57 2.57
CA SER A 329 -11.62 14.53 2.56
C SER A 329 -11.38 15.15 1.19
N LYS A 330 -10.43 16.06 1.10
CA LYS A 330 -10.10 16.69 -0.18
C LYS A 330 -9.46 15.65 -1.11
N LEU A 331 -8.63 14.79 -0.54
CA LEU A 331 -8.00 13.70 -1.31
C LEU A 331 -9.04 12.84 -1.99
N LEU A 332 -10.04 12.40 -1.22
CA LEU A 332 -11.09 11.53 -1.73
C LEU A 332 -11.91 12.18 -2.85
N ALA A 333 -12.07 13.49 -2.78
CA ALA A 333 -12.91 14.20 -3.74
C ALA A 333 -12.14 14.59 -5.01
N ALA A 334 -10.84 14.83 -4.85
CA ALA A 334 -10.02 15.34 -5.95
C ALA A 334 -9.62 14.24 -6.94
N VAL A 335 -9.95 13.00 -6.59
CA VAL A 335 -9.60 11.86 -7.42
C VAL A 335 -10.86 11.11 -7.77
N ASP A 336 -11.10 10.93 -9.06
CA ASP A 336 -12.24 10.16 -9.52
C ASP A 336 -11.72 9.00 -10.34
N HIS A 337 -11.65 7.82 -9.71
CA HIS A 337 -11.07 6.65 -10.37
C HIS A 337 -12.05 6.06 -11.37
N LYS A 338 -13.24 6.65 -11.45
CA LYS A 338 -14.24 6.19 -12.42
C LYS A 338 -14.35 7.15 -13.61
N ASP A 339 -13.46 8.14 -13.66
CA ASP A 339 -13.36 9.05 -14.79
C ASP A 339 -12.35 8.48 -15.79
N PRO A 340 -12.83 8.07 -16.97
CA PRO A 340 -11.98 7.44 -18.00
C PRO A 340 -10.75 8.27 -18.33
N ASN A 341 -10.83 9.58 -18.12
CA ASN A 341 -9.71 10.43 -18.43
C ASN A 341 -9.17 11.15 -17.20
N GLY A 342 -9.50 10.64 -16.02
CA GLY A 342 -8.97 11.20 -14.78
C GLY A 342 -7.60 10.63 -14.42
N LEU A 343 -7.24 10.74 -13.13
CA LEU A 343 -5.94 10.30 -12.64
C LEU A 343 -5.54 8.86 -13.03
N PHE A 344 -6.50 7.95 -13.10
CA PHE A 344 -6.14 6.55 -13.34
C PHE A 344 -5.69 6.32 -14.78
N LYS A 345 -5.99 7.27 -15.66
CA LYS A 345 -5.44 7.22 -17.00
C LYS A 345 -3.95 7.53 -16.92
N ASP A 346 -3.61 8.56 -16.17
CA ASP A 346 -2.21 8.93 -16.03
C ASP A 346 -1.47 7.86 -15.22
N LEU A 347 -2.17 7.18 -14.33
CA LEU A 347 -1.60 6.08 -13.57
C LEU A 347 -1.20 4.94 -14.51
N TRP A 348 -2.08 4.59 -15.42
CA TRP A 348 -1.81 3.54 -16.39
C TRP A 348 -0.66 3.96 -17.33
N ARG A 349 -0.69 5.18 -17.81
CA ARG A 349 0.44 5.71 -18.60
C ARG A 349 1.77 5.56 -17.86
N SER A 350 1.76 5.88 -16.57
CA SER A 350 2.96 5.77 -15.73
C SER A 350 3.39 4.31 -15.56
N SER A 351 2.45 3.41 -15.47
CA SER A 351 2.78 2.04 -15.20
C SER A 351 3.40 1.40 -16.42
N ILE A 352 2.82 1.66 -17.59
CA ILE A 352 3.33 1.07 -18.80
C ILE A 352 4.69 1.68 -19.09
N ASP A 353 4.90 2.92 -18.70
CA ASP A 353 6.17 3.55 -18.82
C ASP A 353 7.23 2.82 -18.02
N PHE A 354 6.94 2.57 -16.75
CA PHE A 354 7.81 1.77 -15.91
C PHE A 354 8.12 0.41 -16.51
N ALA A 355 7.11 -0.25 -16.99
CA ALA A 355 7.27 -1.57 -17.52
C ALA A 355 8.18 -1.57 -18.76
N GLU A 356 7.95 -0.60 -19.61
CA GLU A 356 8.93 -0.38 -20.72
CA GLU A 356 8.93 -0.40 -20.73
C GLU A 356 10.51 -0.18 -20.37
N LYS A 357 10.67 0.64 -19.36
CA LYS A 357 11.97 0.87 -18.80
C LYS A 357 12.54 -0.40 -18.13
N MET A 358 11.66 -1.18 -17.52
CA MET A 358 12.08 -2.41 -16.89
C MET A 358 12.58 -3.40 -17.93
N VAL A 359 11.78 -3.60 -18.94
CA VAL A 359 12.13 -4.49 -20.03
C VAL A 359 13.44 -4.06 -20.71
N LYS A 360 13.58 -2.79 -20.98
CA LYS A 360 14.81 -2.27 -21.54
C LYS A 360 16.01 -2.53 -20.62
N TRP A 361 15.82 -2.34 -19.33
CA TRP A 361 16.88 -2.61 -18.36
C TRP A 361 17.32 -4.07 -18.39
N VAL A 362 16.35 -4.98 -18.45
CA VAL A 362 16.61 -6.41 -18.48
C VAL A 362 17.45 -6.74 -19.73
N GLU A 363 17.04 -6.20 -20.87
CA GLU A 363 17.77 -6.43 -22.12
CA GLU A 363 17.77 -6.43 -22.12
C GLU A 363 19.18 -5.84 -22.07
N GLU A 364 19.33 -4.66 -21.47
CA GLU A 364 20.64 -4.02 -21.45
C GLU A 364 21.62 -4.58 -20.41
N LEU A 365 21.11 -5.27 -19.39
CA LEU A 365 21.98 -5.77 -18.32
C LEU A 365 22.16 -7.29 -18.34
N LYS A 366 21.51 -8.00 -19.25
CA LYS A 366 21.60 -9.47 -19.13
C LYS A 366 22.93 -10.02 -19.67
N GLY A 367 23.67 -9.18 -20.41
CA GLY A 367 25.01 -9.53 -20.86
C GLY A 367 25.08 -10.33 -22.15
N GLY A 368 24.02 -10.21 -22.95
CA GLY A 368 23.98 -10.88 -24.23
C GLY A 368 22.99 -12.03 -24.23
N GLY A 369 22.82 -12.65 -25.39
CA GLY A 369 21.95 -13.80 -25.53
C GLY A 369 20.66 -13.42 -26.24
#